data_3BBV
#
_entry.id   3BBV
#
_entity_poly.entity_id   1
_entity_poly.type   'polyribonucleotide'
_entity_poly.pdbx_seq_one_letter_code
;GCCCGGA(4SU)AGCUCAG(H2U)CGG(H2U)AGAGCAGGGGA(PSU)UGAA(MIA)A(PSU)CCCCGU(7MG)UCCUUG
G(5MU)(PSU)CGAUUCCGAGUCCGGGCACCA
;
_entity_poly.pdbx_strand_id   z
#
loop_
_chem_comp.id
_chem_comp.type
_chem_comp.name
_chem_comp.formula
4SU RNA linking 4-THIOURIDINE-5'-MONOPHOSPHATE 'C9 H13 N2 O8 P S'
5MU RNA linking '5-METHYLURIDINE 5'-MONOPHOSPHATE' 'C10 H15 N2 O9 P'
7MG RNA linking 7N-METHYL-8-HYDROGUANOSINE-5'-MONOPHOSPHATE 'C11 H18 N5 O8 P'
A RNA linking ADENOSINE-5'-MONOPHOSPHATE 'C10 H14 N5 O7 P'
C RNA linking CYTIDINE-5'-MONOPHOSPHATE 'C9 H14 N3 O8 P'
G RNA linking GUANOSINE-5'-MONOPHOSPHATE 'C10 H14 N5 O8 P'
H2U RNA linking 5,6-DIHYDROURIDINE-5'-MONOPHOSPHATE 'C9 H15 N2 O9 P'
MIA RNA linking 2-METHYLTHIO-N6-ISOPENTENYL-ADENOSINE-5'-MONOPHOSPHATE 'C16 H24 N5 O7 P S'
PSU RNA linking PSEUDOURIDINE-5'-MONOPHOSPHATE 'C9 H13 N2 O9 P'
U RNA linking URIDINE-5'-MONOPHOSPHATE 'C9 H13 N2 O9 P'
#
# COMPACT_ATOMS: atom_id res chain seq x y z
N1 4SU A 8 -5.89 4.99 8.91
C2 4SU A 8 -5.97 5.14 7.53
N3 4SU A 8 -6.47 6.33 7.01
C4 4SU A 8 -6.93 7.42 7.83
C5 4SU A 8 -6.86 7.27 9.23
C6 4SU A 8 -6.33 6.03 9.75
O2 4SU A 8 -5.56 4.16 6.78
S4 4SU A 8 -7.59 8.88 7.25
C1' 4SU A 8 -5.38 3.72 9.48
C2' 4SU A 8 -3.94 3.92 9.85
O2' 4SU A 8 -3.15 2.88 9.20
C3' 4SU A 8 -3.93 3.87 11.39
C4' 4SU A 8 -5.34 3.61 11.84
O3' 4SU A 8 -3.08 2.88 11.87
O4' 4SU A 8 -6.12 3.34 10.69
C5' 4SU A 8 -5.65 4.89 12.63
O5' 4SU A 8 -6.98 5.19 12.70
P 4SU A 8 -7.18 6.58 13.64
OP1 4SU A 8 -6.00 7.60 13.68
OP2 4SU A 8 -8.57 7.20 13.32
P H2U A 16 -14.50 4.41 -0.39
OP1 H2U A 16 -13.98 3.79 0.86
OP2 H2U A 16 -14.64 3.56 -1.64
O5' H2U A 16 -15.85 5.14 -0.04
C5' H2U A 16 -16.50 5.88 -1.02
C4' H2U A 16 -17.90 5.32 -1.16
O4' H2U A 16 -18.81 6.37 -0.80
C3' H2U A 16 -18.17 4.84 -2.56
O3' H2U A 16 -18.58 3.43 -2.55
C1' H2U A 16 -19.73 6.57 -1.86
C2' H2U A 16 -19.21 5.78 -3.10
O2' H2U A 16 -20.28 5.07 -3.75
N1 H2U A 16 -19.81 8.06 -2.17
C2 H2U A 16 -20.97 8.71 -2.08
O2 H2U A 16 -22.02 8.13 -1.70
N3 H2U A 16 -20.93 10.08 -2.32
C4 H2U A 16 -19.83 10.85 -2.68
O4 H2U A 16 -19.81 12.14 -2.65
C5 H2U A 16 -18.70 10.09 -3.20
C6 H2U A 16 -18.53 8.79 -2.42
P H2U A 20 -11.75 -8.83 -1.34
OP1 H2U A 20 -11.72 -9.70 -0.09
OP2 H2U A 20 -11.84 -7.31 -1.19
O5' H2U A 20 -10.49 -9.13 -2.28
C5' H2U A 20 -10.05 -10.48 -2.46
C4' H2U A 20 -8.71 -10.47 -3.18
O4' H2U A 20 -8.82 -11.09 -4.49
C3' H2U A 20 -8.14 -9.03 -3.36
O3' H2U A 20 -7.03 -8.83 -2.51
C1' H2U A 20 -8.32 -10.19 -5.54
C2' H2U A 20 -7.82 -8.87 -4.87
O2' H2U A 20 -6.46 -8.64 -5.17
N1 H2U A 20 -9.41 -9.91 -6.46
C2 H2U A 20 -9.18 -9.77 -7.80
O2 H2U A 20 -8.10 -9.87 -8.34
N3 H2U A 20 -10.24 -9.57 -8.57
C4 H2U A 20 -11.50 -9.48 -8.09
O4 H2U A 20 -12.45 -9.57 -8.85
C5 H2U A 20 -11.68 -9.20 -6.63
C6 H2U A 20 -10.73 -10.00 -5.82
N1 PSU A 32 26.22 2.68 -8.13
C2 PSU A 32 25.83 3.40 -6.97
N3 PSU A 32 25.41 4.69 -7.10
C4 PSU A 32 25.37 5.29 -8.33
C5 PSU A 32 25.77 4.60 -9.49
C6 PSU A 32 26.19 3.27 -9.36
O2 PSU A 32 25.84 2.83 -5.73
O4 PSU A 32 24.98 6.47 -8.42
C1' PSU A 32 25.72 5.20 -10.87
C2' PSU A 32 27.04 5.68 -11.53
O2' PSU A 32 26.99 7.04 -12.01
C3' PSU A 32 27.35 4.67 -12.68
C4' PSU A 32 26.13 3.70 -12.66
O3' PSU A 32 27.68 5.28 -13.93
O4' PSU A 32 25.17 4.16 -11.72
C5' PSU A 32 26.69 2.34 -12.32
O5' PSU A 32 25.82 1.42 -11.69
P PSU A 32 26.52 -0.01 -11.62
OP1 PSU A 32 27.87 -0.07 -12.19
OP2 PSU A 32 26.00 -0.88 -10.48
P MIA A 37 25.00 9.11 -0.98
OP1 MIA A 37 24.85 8.44 0.39
OP2 MIA A 37 25.24 8.47 -2.35
O5' MIA A 37 24.61 10.68 -1.02
C5' MIA A 37 23.25 11.01 -1.16
C4' MIA A 37 23.16 12.46 -1.69
O4' MIA A 37 24.40 12.94 -2.29
C3' MIA A 37 22.22 12.62 -2.84
O3' MIA A 37 20.88 12.59 -2.48
C2' MIA A 37 22.71 13.92 -3.52
O2' MIA A 37 22.30 15.14 -2.88
C1' MIA A 37 24.18 13.79 -3.43
N9 MIA A 37 24.57 13.11 -4.69
C8 MIA A 37 25.05 11.83 -4.90
N7 MIA A 37 25.28 11.56 -6.19
C5 MIA A 37 24.95 12.68 -6.85
C6 MIA A 37 24.96 13.05 -8.23
N6 MIA A 37 25.41 12.20 -9.22
N1 MIA A 37 24.51 14.32 -8.55
C2 MIA A 37 24.09 15.19 -7.56
N3 MIA A 37 24.06 14.91 -6.24
C4 MIA A 37 24.48 13.67 -5.91
S10 MIA A 37 23.55 16.77 -8.02
C11 MIA A 37 23.15 17.62 -6.48
C12 MIA A 37 24.53 12.00 -10.39
C13 MIA A 37 25.03 12.55 -11.76
C14 MIA A 37 24.79 11.51 -12.86
C15 MIA A 37 25.23 11.74 -14.29
C16 MIA A 37 25.03 9.94 -12.36
N1 PSU A 39 20.32 6.99 -7.58
C2 PSU A 39 20.76 5.79 -8.21
N3 PSU A 39 20.46 5.53 -9.55
C4 PSU A 39 19.73 6.43 -10.27
C5 PSU A 39 19.30 7.62 -9.61
C6 PSU A 39 19.61 7.87 -8.27
O2 PSU A 39 21.47 4.89 -7.51
O4 PSU A 39 19.47 6.18 -11.47
C1' PSU A 39 18.54 8.69 -10.23
C2' PSU A 39 17.46 8.17 -11.21
O2' PSU A 39 17.84 8.29 -12.59
C3' PSU A 39 16.25 8.99 -10.77
C4' PSU A 39 16.85 9.99 -9.75
O3' PSU A 39 15.52 9.60 -11.77
O4' PSU A 39 17.84 9.32 -9.12
C5' PSU A 39 15.86 10.64 -8.82
O5' PSU A 39 16.60 11.01 -7.69
P PSU A 39 15.89 12.00 -6.68
OP1 PSU A 39 14.50 12.20 -7.03
OP2 PSU A 39 16.45 11.99 -5.30
P 7MG A 46 2.77 -7.29 6.63
OP1 7MG A 46 1.66 -8.28 6.96
OP2 7MG A 46 3.33 -7.08 5.23
O5' 7MG A 46 2.53 -5.81 7.31
C5' 7MG A 46 1.75 -6.01 8.48
C4' 7MG A 46 1.63 -4.75 9.33
O4' 7MG A 46 1.40 -3.57 8.52
C3' 7MG A 46 0.49 -4.99 10.27
O3' 7MG A 46 0.73 -4.59 11.61
C2' 7MG A 46 -0.62 -4.24 9.64
O2' 7MG A 46 -1.17 -3.36 10.64
C1' 7MG A 46 0.05 -3.39 8.48
N9 7MG A 46 -0.28 -3.74 7.09
C8 7MG A 46 -0.30 -5.01 6.49
N7 7MG A 46 -0.59 -4.94 5.23
C5 7MG A 46 -0.76 -3.58 4.96
C6 7MG A 46 -1.10 -2.86 3.72
O6 7MG A 46 -1.30 -3.42 2.62
N1 7MG A 46 -1.16 -1.41 3.92
C2 7MG A 46 -0.93 -0.75 5.18
N2 7MG A 46 -1.00 0.63 5.27
N3 7MG A 46 -0.63 -1.44 6.25
C4 7MG A 46 -0.56 -2.82 6.12
CM7 7MG A 46 -0.48 -6.07 4.24
N1 5MU A 54 -21.66 -12.41 9.33
C2 5MU A 54 -20.74 -11.46 8.86
N3 5MU A 54 -19.45 -11.72 9.02
C4 5MU A 54 -19.01 -12.86 9.64
C5 5MU A 54 -19.99 -13.82 10.11
C5M 5MU A 54 -19.60 -15.15 10.76
C6 5MU A 54 -21.26 -13.57 9.95
O2 5MU A 54 -21.07 -10.44 8.31
O4 5MU A 54 -17.71 -13.05 9.76
C1' 5MU A 54 -23.07 -12.13 9.18
C2' 5MU A 54 -23.70 -13.06 8.14
O2' 5MU A 54 -24.34 -12.22 7.21
C3' 5MU A 54 -24.69 -13.98 8.94
C4' 5MU A 54 -24.63 -13.51 10.39
O3' 5MU A 54 -26.01 -13.78 8.60
O4' 5MU A 54 -23.77 -12.28 10.44
C5' 5MU A 54 -24.09 -14.57 11.26
O5' 5MU A 54 -24.24 -14.06 12.56
P 5MU A 54 -23.63 -15.12 13.51
OP1 5MU A 54 -24.03 -14.79 14.94
OP2 5MU A 54 -23.75 -16.54 12.89
N1 PSU A 55 -18.86 -13.54 6.62
C2 PSU A 55 -18.25 -12.39 6.03
N3 PSU A 55 -18.80 -11.76 4.98
C4 PSU A 55 -19.94 -12.25 4.51
C5 PSU A 55 -20.56 -13.37 5.08
C6 PSU A 55 -20.00 -14.02 6.14
O2 PSU A 55 -17.10 -11.91 6.50
O4 PSU A 55 -20.44 -11.68 3.56
C1' PSU A 55 -21.76 -13.99 4.58
C2' PSU A 55 -21.42 -15.50 4.60
O2' PSU A 55 -21.06 -15.96 3.28
C3' PSU A 55 -22.62 -16.22 5.12
C4' PSU A 55 -23.62 -15.11 5.20
O3' PSU A 55 -23.01 -17.24 4.20
O4' PSU A 55 -22.87 -13.88 5.44
C5' PSU A 55 -24.56 -15.37 6.37
O5' PSU A 55 -25.62 -14.49 6.26
P PSU A 55 -26.68 -14.72 7.45
OP1 PSU A 55 -27.86 -13.90 7.27
OP2 PSU A 55 -26.72 -16.17 7.96
#